data_4BU2
#
_entry.id   4BU2
#
_cell.length_a   184.632
_cell.length_b   184.632
_cell.length_c   184.632
_cell.angle_alpha   90.00
_cell.angle_beta   90.00
_cell.angle_gamma   90.00
#
_symmetry.space_group_name_H-M   'P 43 3 2'
#
loop_
_entity.id
_entity.type
_entity.pdbx_description
1 polymer 'BIFUNCTIONAL LYSINE-SPECIFIC DEMETHYLASE AND HISTIDYL-HYDROXYLASE MINA'
2 non-polymer 'NICKEL (II) ION'
3 non-polymer '2-OXOGLUTARIC ACID'
4 non-polymer 1,2-ETHANEDIOL
5 water water
#
_entity_poly.entity_id   1
_entity_poly.type   'polypeptide(L)'
_entity_poly.pdbx_seq_one_letter_code
;S(MSE)AAGGPSALNFDSPSSLFESLISPIKTETFFKEFWEQKPLLIQRDDPALATYYGSLFKLTDLKSLCSRG(MSE)Y
YGRDVNVCRCVNGKKKVLNKDGKAHFLQLRKDFDQKRATIQFHQPQRFKDELWRIQEKLECYFGSLVGSNVYITPAGSQG
LPPHYDDVEVFILQLEGEKHWRLYHPTVPLAREYSVEAEERIGRPVHEF(MSE)LKPGDLLYFPRGTIHQADTPAGLAHS
THVTISTYQNNSWGDFLLDTISGLVFDTAKEDVELRTGIPRQLLLQVESTTVATRRLSGFLRTLADRLEGTKELLSSD
(MSE)KKDFI(MSE)HRLPPYSAGDGAELSTPGGKLPRLDSVVRLQFKDHIVLTVLPDQDQSDETQEK(MSE)VYIYHSL
KNSRETH(MSE)(MSE)GNEEETEFHGLRFPLSHLDALKQIWNSPAISVKDLKLTTDEEKESLVLSLWTECLIQVV
;
_entity_poly.pdbx_strand_id   A
#
# COMPACT_ATOMS: atom_id res chain seq x y z
N PRO A 7 10.37 -24.43 2.06
CA PRO A 7 9.82 -23.47 3.06
C PRO A 7 10.43 -22.07 2.89
N SER A 8 11.67 -22.02 2.39
CA SER A 8 12.34 -20.74 2.17
C SER A 8 11.85 -20.14 0.83
N ALA A 9 11.34 -20.99 -0.08
CA ALA A 9 10.84 -20.52 -1.40
C ALA A 9 9.59 -19.66 -1.18
N LEU A 10 9.28 -18.81 -2.15
CA LEU A 10 8.12 -17.95 -2.02
C LEU A 10 6.84 -18.69 -2.37
N ASN A 11 5.93 -18.76 -1.42
CA ASN A 11 4.69 -19.46 -1.65
C ASN A 11 3.59 -18.48 -2.08
N PHE A 12 3.23 -18.53 -3.35
CA PHE A 12 2.22 -17.63 -3.88
C PHE A 12 0.76 -18.08 -3.73
N ASP A 13 0.51 -19.10 -2.90
CA ASP A 13 -0.86 -19.57 -2.75
C ASP A 13 -1.75 -18.40 -2.41
N SER A 14 -1.42 -17.70 -1.32
CA SER A 14 -2.22 -16.56 -0.90
C SER A 14 -1.37 -15.37 -0.57
N PRO A 15 -1.98 -14.19 -0.44
CA PRO A 15 -1.19 -13.02 -0.11
C PRO A 15 -0.47 -13.23 1.22
N SER A 16 -1.20 -13.75 2.19
CA SER A 16 -0.61 -13.96 3.49
C SER A 16 0.45 -15.04 3.49
N SER A 17 0.33 -16.00 2.59
CA SER A 17 1.30 -17.08 2.55
C SER A 17 2.59 -16.58 1.92
N LEU A 18 2.46 -15.58 1.07
CA LEU A 18 3.64 -15.02 0.42
C LEU A 18 4.47 -14.18 1.37
N PHE A 19 3.82 -13.30 2.13
CA PHE A 19 4.55 -12.45 3.05
C PHE A 19 5.28 -13.29 4.07
N GLU A 20 4.69 -14.43 4.42
CA GLU A 20 5.28 -15.33 5.39
C GLU A 20 6.61 -15.85 4.86
N SER A 21 6.62 -16.26 3.59
CA SER A 21 7.83 -16.77 2.99
C SER A 21 8.87 -15.68 2.71
N LEU A 22 8.41 -14.48 2.41
CA LEU A 22 9.33 -13.38 2.13
C LEU A 22 10.23 -13.09 3.32
N ILE A 23 9.65 -13.06 4.52
CA ILE A 23 10.44 -12.78 5.71
C ILE A 23 10.89 -14.01 6.49
N SER A 24 10.81 -15.17 5.85
CA SER A 24 11.22 -16.44 6.45
C SER A 24 12.70 -16.41 6.84
N PRO A 25 13.05 -17.04 7.98
CA PRO A 25 12.18 -17.76 8.91
C PRO A 25 11.49 -16.94 9.99
N ILE A 26 11.62 -15.62 9.93
CA ILE A 26 10.97 -14.81 10.94
C ILE A 26 9.44 -15.03 10.88
N LYS A 27 8.81 -15.17 12.04
CA LYS A 27 7.36 -15.37 12.09
C LYS A 27 6.63 -14.04 11.99
N THR A 28 5.57 -14.00 11.20
CA THR A 28 4.82 -12.77 11.02
C THR A 28 4.41 -12.16 12.34
N GLU A 29 3.98 -13.02 13.26
CA GLU A 29 3.53 -12.56 14.57
C GLU A 29 4.63 -11.77 15.25
N THR A 30 5.88 -12.22 15.06
CA THR A 30 7.04 -11.59 15.67
C THR A 30 7.33 -10.27 14.98
N PHE A 31 7.21 -10.29 13.66
CA PHE A 31 7.45 -9.12 12.83
C PHE A 31 6.62 -7.93 13.26
N PHE A 32 5.31 -8.06 13.17
CA PHE A 32 4.44 -6.95 13.54
C PHE A 32 4.48 -6.60 14.99
N LYS A 33 4.87 -7.55 15.82
CA LYS A 33 4.92 -7.30 17.24
C LYS A 33 6.16 -6.51 17.68
N GLU A 34 7.33 -6.84 17.13
CA GLU A 34 8.55 -6.13 17.53
C GLU A 34 9.25 -5.30 16.46
N PHE A 35 9.01 -5.60 15.19
CA PHE A 35 9.72 -4.87 14.14
C PHE A 35 8.98 -3.78 13.38
N TRP A 36 7.87 -4.16 12.75
CA TRP A 36 7.04 -3.27 11.95
C TRP A 36 6.84 -1.91 12.60
N GLU A 37 7.24 -0.88 11.86
CA GLU A 37 7.14 0.49 12.30
C GLU A 37 7.81 0.71 13.64
N GLN A 38 8.78 -0.13 13.98
CA GLN A 38 9.51 0.02 15.24
C GLN A 38 11.02 0.05 15.09
N LYS A 39 11.58 -1.03 14.57
CA LYS A 39 13.03 -1.11 14.41
C LYS A 39 13.39 -1.95 13.19
N PRO A 40 14.64 -1.84 12.70
CA PRO A 40 15.12 -2.60 11.53
C PRO A 40 15.21 -4.11 11.79
N LEU A 41 15.08 -4.91 10.74
CA LEU A 41 15.18 -6.37 10.87
C LEU A 41 16.07 -6.98 9.79
N LEU A 42 17.26 -7.45 10.19
CA LEU A 42 18.19 -8.05 9.25
C LEU A 42 18.01 -9.55 9.20
N ILE A 43 17.79 -10.07 8.01
CA ILE A 43 17.61 -11.50 7.89
C ILE A 43 18.70 -12.08 7.00
N GLN A 44 19.85 -12.39 7.59
CA GLN A 44 20.93 -12.99 6.84
C GLN A 44 20.62 -14.46 6.69
N ARG A 45 20.73 -14.96 5.47
CA ARG A 45 20.38 -16.35 5.21
C ARG A 45 21.53 -17.15 4.64
N ASP A 46 21.30 -18.44 4.53
CA ASP A 46 22.28 -19.33 3.95
C ASP A 46 21.41 -20.30 3.15
N ASP A 47 21.08 -19.88 1.94
CA ASP A 47 20.22 -20.66 1.08
C ASP A 47 20.62 -20.41 -0.37
N PRO A 48 21.40 -21.32 -0.95
CA PRO A 48 21.85 -21.19 -2.35
C PRO A 48 20.69 -21.08 -3.34
N ALA A 49 19.59 -21.77 -3.04
CA ALA A 49 18.41 -21.76 -3.88
C ALA A 49 17.76 -20.40 -3.88
N LEU A 50 17.45 -19.90 -2.68
CA LEU A 50 16.83 -18.60 -2.54
C LEU A 50 17.76 -17.54 -3.17
N ALA A 51 19.06 -17.70 -2.96
CA ALA A 51 20.02 -16.73 -3.50
C ALA A 51 19.99 -16.69 -5.02
N THR A 52 19.74 -17.84 -5.61
CA THR A 52 19.68 -17.93 -7.04
C THR A 52 18.36 -17.37 -7.51
N TYR A 53 17.33 -17.60 -6.72
CA TYR A 53 16.01 -17.10 -7.05
C TYR A 53 16.08 -15.58 -7.05
N TYR A 54 16.59 -15.02 -5.95
CA TYR A 54 16.75 -13.59 -5.82
C TYR A 54 17.48 -13.02 -7.02
N GLY A 55 18.57 -13.68 -7.41
CA GLY A 55 19.33 -13.20 -8.55
C GLY A 55 18.57 -13.18 -9.87
N SER A 56 17.43 -13.85 -9.90
CA SER A 56 16.67 -13.86 -11.12
C SER A 56 15.69 -12.70 -11.17
N LEU A 57 15.33 -12.17 -10.00
CA LEU A 57 14.40 -11.05 -9.94
C LEU A 57 14.85 -9.86 -10.77
N PHE A 58 16.15 -9.67 -10.92
CA PHE A 58 16.61 -8.55 -11.73
C PHE A 58 18.12 -8.64 -11.85
N LYS A 59 18.59 -8.65 -13.09
CA LYS A 59 20.01 -8.75 -13.37
C LYS A 59 20.52 -7.50 -14.06
N LEU A 60 21.84 -7.34 -14.06
CA LEU A 60 22.47 -6.20 -14.71
C LEU A 60 22.03 -6.23 -16.17
N THR A 61 22.12 -7.40 -16.76
CA THR A 61 21.73 -7.54 -18.15
C THR A 61 20.28 -7.10 -18.40
N ASP A 62 19.40 -7.28 -17.41
CA ASP A 62 18.00 -6.86 -17.61
C ASP A 62 17.97 -5.35 -17.95
N LEU A 63 19.00 -4.63 -17.52
CA LEU A 63 19.09 -3.19 -17.77
C LEU A 63 19.22 -2.87 -19.26
N LYS A 64 20.11 -3.59 -19.94
CA LYS A 64 20.35 -3.42 -21.39
C LYS A 64 19.11 -3.85 -22.21
N SER A 65 18.57 -5.01 -21.84
CA SER A 65 17.39 -5.51 -22.54
C SER A 65 16.31 -4.41 -22.55
N LEU A 66 16.31 -3.54 -21.54
CA LEU A 66 15.30 -2.50 -21.49
C LEU A 66 15.90 -1.10 -21.76
N CYS A 67 17.03 -1.08 -22.46
CA CYS A 67 17.73 0.18 -22.76
C CYS A 67 18.41 0.10 -24.15
N ARG A 75 13.40 8.51 -17.42
CA ARG A 75 12.28 8.23 -16.52
C ARG A 75 12.29 6.77 -16.07
N ASP A 76 12.75 5.87 -16.96
CA ASP A 76 12.83 4.45 -16.63
C ASP A 76 14.03 4.18 -15.71
N VAL A 77 15.15 4.84 -16.01
CA VAL A 77 16.39 4.69 -15.26
C VAL A 77 16.79 6.02 -14.65
N ASN A 78 17.93 6.01 -13.96
CA ASN A 78 18.44 7.20 -13.32
C ASN A 78 19.89 7.00 -12.91
N VAL A 79 20.67 8.09 -12.85
CA VAL A 79 22.07 7.99 -12.48
C VAL A 79 22.38 9.04 -11.40
N CYS A 80 22.88 8.55 -10.26
CA CYS A 80 23.22 9.42 -9.12
C CYS A 80 24.72 9.27 -8.81
N ARG A 81 25.46 10.37 -8.96
CA ARG A 81 26.91 10.37 -8.69
C ARG A 81 27.11 10.16 -7.20
N ALA A 110 27.12 7.78 -9.95
CA ALA A 110 27.80 6.52 -9.63
C ALA A 110 26.81 5.40 -9.41
N THR A 111 25.58 5.77 -9.08
CA THR A 111 24.54 4.81 -8.81
C THR A 111 23.41 4.88 -9.84
N ILE A 112 23.08 3.73 -10.41
CA ILE A 112 22.04 3.64 -11.40
C ILE A 112 20.77 3.15 -10.71
N GLN A 113 19.68 3.87 -10.89
CA GLN A 113 18.40 3.52 -10.28
C GLN A 113 17.32 3.21 -11.33
N PHE A 114 16.87 1.96 -11.40
CA PHE A 114 15.83 1.59 -12.35
C PHE A 114 14.51 1.67 -11.63
N HIS A 115 13.61 2.52 -12.11
CA HIS A 115 12.32 2.71 -11.48
C HIS A 115 11.12 1.84 -11.84
N GLN A 116 10.53 1.22 -10.83
CA GLN A 116 9.35 0.38 -10.99
C GLN A 116 9.59 -0.79 -11.93
N PRO A 117 10.54 -1.65 -11.60
CA PRO A 117 10.83 -2.79 -12.46
C PRO A 117 9.68 -3.78 -12.66
N GLN A 118 8.70 -3.77 -11.76
CA GLN A 118 7.56 -4.69 -11.85
C GLN A 118 6.75 -4.52 -13.14
N ARG A 119 7.02 -3.44 -13.88
CA ARG A 119 6.31 -3.19 -15.13
C ARG A 119 6.81 -4.09 -16.24
N PHE A 120 7.94 -4.76 -16.01
CA PHE A 120 8.54 -5.64 -17.01
C PHE A 120 8.90 -7.02 -16.43
N LYS A 121 9.24 -7.05 -15.14
CA LYS A 121 9.62 -8.31 -14.51
C LYS A 121 8.40 -8.94 -13.87
N ASP A 122 8.02 -10.09 -14.39
CA ASP A 122 6.85 -10.79 -13.89
C ASP A 122 6.93 -11.24 -12.45
N GLU A 123 8.04 -11.87 -12.09
CA GLU A 123 8.18 -12.37 -10.73
C GLU A 123 7.91 -11.26 -9.72
N LEU A 124 8.49 -10.09 -9.95
CA LEU A 124 8.30 -8.96 -9.05
C LEU A 124 6.83 -8.50 -9.04
N TRP A 125 6.23 -8.39 -10.22
CA TRP A 125 4.83 -8.01 -10.33
C TRP A 125 3.99 -8.97 -9.48
N ARG A 126 4.31 -10.25 -9.59
CA ARG A 126 3.62 -11.28 -8.84
C ARG A 126 3.84 -11.13 -7.34
N ILE A 127 5.03 -10.66 -6.98
CA ILE A 127 5.38 -10.44 -5.59
C ILE A 127 4.69 -9.22 -5.00
N GLN A 128 4.94 -8.06 -5.61
CA GLN A 128 4.37 -6.81 -5.15
C GLN A 128 2.84 -6.78 -5.17
N GLU A 129 2.23 -7.52 -6.10
CA GLU A 129 0.78 -7.58 -6.22
C GLU A 129 0.19 -8.13 -4.94
N LYS A 130 0.72 -9.30 -4.55
CA LYS A 130 0.30 -10.00 -3.35
C LYS A 130 0.60 -9.12 -2.14
N LEU A 131 1.71 -8.38 -2.20
CA LEU A 131 2.05 -7.51 -1.08
C LEU A 131 1.02 -6.41 -0.93
N GLU A 132 0.51 -5.91 -2.05
CA GLU A 132 -0.51 -4.86 -2.00
C GLU A 132 -1.78 -5.41 -1.37
N CYS A 133 -2.13 -6.64 -1.72
CA CYS A 133 -3.32 -7.28 -1.16
C CYS A 133 -3.17 -7.41 0.35
N TYR A 134 -2.00 -7.88 0.77
CA TYR A 134 -1.66 -8.08 2.19
C TYR A 134 -1.63 -6.81 3.02
N PHE A 135 -0.96 -5.79 2.51
CA PHE A 135 -0.85 -4.52 3.21
C PHE A 135 -2.02 -3.58 3.00
N GLY A 136 -2.63 -3.64 1.82
CA GLY A 136 -3.74 -2.76 1.52
C GLY A 136 -3.20 -1.37 1.25
N SER A 137 -2.01 -1.35 0.68
CA SER A 137 -1.35 -0.11 0.38
C SER A 137 -0.56 -0.29 -0.90
N LEU A 138 -0.33 0.78 -1.62
CA LEU A 138 0.42 0.68 -2.85
C LEU A 138 1.80 0.09 -2.57
N VAL A 139 2.32 -0.69 -3.48
CA VAL A 139 3.64 -1.26 -3.27
C VAL A 139 4.52 -1.13 -4.50
N GLY A 140 5.39 -0.13 -4.49
CA GLY A 140 6.28 0.06 -5.61
C GLY A 140 7.68 -0.46 -5.32
N SER A 141 8.57 -0.32 -6.28
CA SER A 141 9.94 -0.76 -6.06
C SER A 141 10.92 -0.09 -7.01
N ASN A 142 12.17 -0.04 -6.55
CA ASN A 142 13.27 0.56 -7.29
C ASN A 142 14.44 -0.37 -7.22
N VAL A 143 15.25 -0.35 -8.25
CA VAL A 143 16.44 -1.18 -8.31
C VAL A 143 17.65 -0.29 -8.27
N TYR A 144 18.61 -0.66 -7.43
CA TYR A 144 19.84 0.11 -7.31
C TYR A 144 21.03 -0.71 -7.76
N ILE A 145 21.79 -0.14 -8.68
CA ILE A 145 22.96 -0.82 -9.21
C ILE A 145 24.16 0.08 -9.05
N THR A 146 25.14 -0.38 -8.28
CA THR A 146 26.36 0.39 -8.06
C THR A 146 27.61 -0.44 -8.28
N PRO A 147 28.61 0.13 -8.98
CA PRO A 147 29.85 -0.57 -9.25
C PRO A 147 30.71 -0.78 -8.01
N ALA A 148 31.63 -1.72 -8.10
CA ALA A 148 32.53 -2.02 -7.00
C ALA A 148 33.30 -0.82 -6.52
N GLY A 149 33.58 -0.81 -5.22
CA GLY A 149 34.32 0.27 -4.62
C GLY A 149 33.77 1.67 -4.72
N SER A 150 32.49 1.83 -5.00
CA SER A 150 31.94 3.18 -5.09
C SER A 150 30.85 3.47 -4.05
N GLN A 151 30.85 4.68 -3.51
CA GLN A 151 29.85 5.03 -2.52
C GLN A 151 28.51 5.22 -3.22
N GLY A 152 27.43 5.14 -2.46
CA GLY A 152 26.12 5.32 -3.04
C GLY A 152 25.56 6.67 -2.63
N LEU A 153 24.24 6.76 -2.54
CA LEU A 153 23.62 8.01 -2.14
C LEU A 153 24.11 8.42 -0.74
N PRO A 154 24.09 9.71 -0.44
CA PRO A 154 24.54 10.15 0.90
C PRO A 154 23.57 9.76 2.02
N PRO A 155 23.98 9.88 3.29
CA PRO A 155 23.11 9.53 4.41
C PRO A 155 21.75 10.20 4.23
N HIS A 156 20.67 9.45 4.50
CA HIS A 156 19.31 9.97 4.35
C HIS A 156 18.30 9.00 4.95
N TYR A 157 17.03 9.41 4.98
CA TYR A 157 15.96 8.55 5.44
C TYR A 157 14.78 8.73 4.48
N ASP A 158 14.11 7.61 4.20
CA ASP A 158 12.97 7.56 3.29
C ASP A 158 11.63 7.80 4.01
N ASP A 159 10.56 7.90 3.25
CA ASP A 159 9.24 8.15 3.85
C ASP A 159 8.34 6.94 3.65
N VAL A 160 8.94 5.78 3.48
CA VAL A 160 8.19 4.57 3.25
C VAL A 160 8.76 3.35 3.98
N GLU A 161 7.96 2.30 4.10
CA GLU A 161 8.41 1.08 4.75
C GLU A 161 9.11 0.29 3.66
N VAL A 162 10.38 -0.04 3.86
CA VAL A 162 11.12 -0.75 2.84
C VAL A 162 11.41 -2.23 3.10
N PHE A 163 11.60 -2.97 2.03
CA PHE A 163 11.93 -4.37 2.09
C PHE A 163 13.02 -4.57 1.05
N ILE A 164 14.27 -4.52 1.50
CA ILE A 164 15.41 -4.67 0.61
C ILE A 164 15.82 -6.11 0.36
N LEU A 165 15.97 -6.45 -0.92
CA LEU A 165 16.38 -7.77 -1.36
C LEU A 165 17.69 -7.72 -2.16
N GLN A 166 18.73 -8.35 -1.62
CA GLN A 166 20.01 -8.36 -2.30
C GLN A 166 19.93 -9.37 -3.43
N LEU A 167 20.23 -8.90 -4.64
CA LEU A 167 20.12 -9.75 -5.81
C LEU A 167 21.46 -10.16 -6.39
N GLU A 168 22.40 -9.24 -6.48
CA GLU A 168 23.71 -9.54 -7.01
C GLU A 168 24.77 -8.79 -6.23
N GLY A 169 25.92 -9.42 -6.01
CA GLY A 169 27.01 -8.78 -5.30
C GLY A 169 26.79 -8.57 -3.83
N GLU A 170 27.54 -7.65 -3.24
CA GLU A 170 27.43 -7.37 -1.82
C GLU A 170 27.39 -5.86 -1.60
N LYS A 171 26.67 -5.44 -0.57
CA LYS A 171 26.56 -4.02 -0.27
C LYS A 171 26.79 -3.77 1.22
N HIS A 172 27.61 -2.76 1.51
CA HIS A 172 27.95 -2.37 2.87
C HIS A 172 26.92 -1.38 3.39
N TRP A 173 26.10 -1.82 4.34
CA TRP A 173 25.06 -0.99 4.93
C TRP A 173 25.37 -0.48 6.34
N ARG A 174 24.88 0.72 6.63
CA ARG A 174 25.04 1.34 7.95
C ARG A 174 23.75 2.09 8.30
N LEU A 175 23.05 1.61 9.31
CA LEU A 175 21.81 2.22 9.76
C LEU A 175 22.08 3.11 10.96
N TYR A 176 21.38 4.23 11.05
CA TYR A 176 21.55 5.16 12.17
C TYR A 176 20.21 5.41 12.88
N HIS A 177 20.25 5.99 14.08
CA HIS A 177 19.01 6.27 14.82
C HIS A 177 18.23 7.31 14.03
N PRO A 178 16.90 7.20 14.04
CA PRO A 178 16.08 8.15 13.30
C PRO A 178 16.09 9.53 13.97
N THR A 179 16.20 10.57 13.17
CA THR A 179 16.16 11.92 13.73
C THR A 179 14.69 12.28 13.76
N VAL A 180 13.91 11.60 12.93
CA VAL A 180 12.48 11.81 12.85
C VAL A 180 11.78 10.46 12.76
N PRO A 181 11.47 9.84 13.90
CA PRO A 181 10.79 8.55 13.90
C PRO A 181 9.55 8.55 13.03
N LEU A 182 9.43 7.53 12.20
CA LEU A 182 8.29 7.41 11.30
C LEU A 182 8.07 8.69 10.50
N ALA A 183 9.15 9.24 9.98
CA ALA A 183 9.08 10.45 9.19
C ALA A 183 8.07 10.32 8.04
N ARG A 184 7.47 11.46 7.68
CA ARG A 184 6.45 11.54 6.62
C ARG A 184 7.04 11.98 5.29
N GLU A 185 8.18 12.65 5.34
CA GLU A 185 8.79 13.12 4.11
C GLU A 185 10.21 12.59 3.99
N TYR A 186 10.72 12.53 2.76
CA TYR A 186 12.07 12.07 2.51
C TYR A 186 13.06 13.19 2.79
N SER A 187 14.23 12.85 3.31
CA SER A 187 15.23 13.86 3.61
C SER A 187 16.68 13.35 3.71
N VAL A 188 17.65 14.21 3.45
CA VAL A 188 19.03 13.79 3.60
C VAL A 188 19.46 14.42 4.89
N GLU A 189 20.40 13.78 5.59
CA GLU A 189 20.88 14.32 6.86
C GLU A 189 22.38 14.55 6.79
N ALA A 190 22.87 15.42 7.67
CA ALA A 190 24.30 15.74 7.76
C ALA A 190 25.00 14.68 8.61
N GLU A 191 26.16 14.20 8.15
CA GLU A 191 26.91 13.17 8.88
C GLU A 191 27.14 13.64 10.32
N GLU A 192 27.23 14.95 10.49
CA GLU A 192 27.43 15.55 11.80
C GLU A 192 26.19 15.43 12.66
N ARG A 193 25.13 14.85 12.11
CA ARG A 193 23.87 14.73 12.83
C ARG A 193 23.40 13.32 13.11
N ILE A 194 23.68 12.42 12.17
CA ILE A 194 23.26 11.03 12.28
C ILE A 194 23.88 10.23 13.40
N GLY A 195 24.95 10.78 13.98
CA GLY A 195 25.63 10.10 15.06
C GLY A 195 26.40 8.89 14.55
N ARG A 196 26.52 7.88 15.41
CA ARG A 196 27.25 6.67 15.04
C ARG A 196 26.31 5.52 14.76
N PRO A 197 26.63 4.72 13.75
CA PRO A 197 25.83 3.57 13.33
C PRO A 197 25.31 2.76 14.50
N VAL A 198 24.09 2.27 14.34
CA VAL A 198 23.49 1.47 15.37
C VAL A 198 23.60 0.03 14.92
N HIS A 199 23.64 -0.16 13.62
CA HIS A 199 23.77 -1.50 13.09
C HIS A 199 24.44 -1.37 11.74
N GLU A 200 25.43 -2.23 11.51
CA GLU A 200 26.22 -2.22 10.28
C GLU A 200 26.34 -3.64 9.80
N PHE A 201 26.25 -3.85 8.51
CA PHE A 201 26.37 -5.20 7.98
C PHE A 201 26.64 -5.21 6.49
N LEU A 203 25.28 -7.03 3.00
CA LEU A 203 24.22 -7.84 2.40
C LEU A 203 24.77 -8.61 1.23
N LYS A 204 24.27 -9.83 1.04
CA LYS A 204 24.67 -10.67 -0.06
C LYS A 204 23.43 -11.34 -0.64
N PRO A 205 23.50 -11.79 -1.91
CA PRO A 205 22.34 -12.44 -2.54
C PRO A 205 21.61 -13.40 -1.62
N GLY A 206 20.30 -13.20 -1.50
CA GLY A 206 19.49 -14.06 -0.66
C GLY A 206 19.06 -13.39 0.63
N ASP A 207 19.78 -12.36 1.06
CA ASP A 207 19.44 -11.67 2.30
C ASP A 207 18.29 -10.68 2.13
N LEU A 208 17.62 -10.35 3.24
CA LEU A 208 16.54 -9.38 3.20
C LEU A 208 16.70 -8.38 4.34
N LEU A 209 16.59 -7.11 4.02
CA LEU A 209 16.70 -6.05 5.01
C LEU A 209 15.44 -5.22 5.10
N TYR A 210 14.89 -5.10 6.31
CA TYR A 210 13.69 -4.28 6.52
C TYR A 210 13.93 -3.21 7.57
N PHE A 211 13.39 -2.02 7.34
CA PHE A 211 13.46 -0.95 8.32
C PHE A 211 12.35 0.06 8.06
N PRO A 212 11.77 0.62 9.14
CA PRO A 212 10.69 1.59 9.05
C PRO A 212 11.10 2.93 8.51
N ARG A 213 10.13 3.67 8.01
CA ARG A 213 10.37 4.99 7.48
C ARG A 213 10.97 5.87 8.57
N GLY A 214 11.98 6.64 8.20
CA GLY A 214 12.62 7.51 9.18
C GLY A 214 13.99 6.99 9.56
N THR A 215 14.19 5.70 9.36
CA THR A 215 15.44 5.05 9.65
C THR A 215 16.54 5.60 8.75
N ILE A 216 17.50 6.35 9.31
CA ILE A 216 18.58 6.90 8.51
C ILE A 216 19.53 5.79 8.05
N HIS A 217 19.95 5.87 6.81
CA HIS A 217 20.80 4.83 6.27
C HIS A 217 21.71 5.30 5.16
N GLN A 218 22.67 4.46 4.81
CA GLN A 218 23.59 4.74 3.73
C GLN A 218 24.32 3.45 3.39
N ALA A 219 24.65 3.27 2.12
CA ALA A 219 25.30 2.04 1.71
C ALA A 219 26.35 2.32 0.65
N ASP A 220 27.29 1.40 0.52
CA ASP A 220 28.36 1.52 -0.46
C ASP A 220 28.77 0.14 -0.91
N THR A 221 29.29 0.04 -2.13
CA THR A 221 29.72 -1.25 -2.65
C THR A 221 31.19 -1.44 -2.33
N PRO A 222 31.52 -2.52 -1.62
CA PRO A 222 32.91 -2.79 -1.27
C PRO A 222 33.82 -2.80 -2.46
N ALA A 223 35.04 -2.35 -2.26
CA ALA A 223 36.03 -2.33 -3.32
C ALA A 223 36.19 -3.76 -3.80
N GLY A 224 36.44 -3.97 -5.08
CA GLY A 224 36.59 -5.32 -5.58
C GLY A 224 36.24 -5.44 -7.04
N LEU A 225 35.64 -6.56 -7.42
CA LEU A 225 35.27 -6.80 -8.82
C LEU A 225 33.77 -6.74 -9.07
N ALA A 226 33.03 -7.39 -8.19
CA ALA A 226 31.57 -7.48 -8.26
C ALA A 226 30.85 -6.17 -7.96
N HIS A 227 29.73 -5.95 -8.65
CA HIS A 227 28.93 -4.75 -8.41
C HIS A 227 27.77 -5.18 -7.54
N SER A 228 27.06 -4.19 -6.99
CA SER A 228 25.91 -4.50 -6.17
C SER A 228 24.61 -4.25 -6.91
N THR A 229 23.63 -5.07 -6.60
CA THR A 229 22.32 -4.95 -7.20
C THR A 229 21.27 -5.43 -6.23
N HIS A 230 20.43 -4.50 -5.78
CA HIS A 230 19.32 -4.84 -4.91
C HIS A 230 18.06 -4.09 -5.37
N VAL A 231 16.92 -4.57 -4.93
CA VAL A 231 15.67 -3.91 -5.26
C VAL A 231 15.05 -3.50 -3.93
N THR A 232 14.50 -2.30 -3.88
CA THR A 232 13.85 -1.85 -2.66
C THR A 232 12.35 -1.80 -2.84
N ILE A 233 11.63 -2.69 -2.16
CA ILE A 233 10.19 -2.77 -2.22
C ILE A 233 9.61 -1.91 -1.11
N SER A 234 8.97 -0.80 -1.45
CA SER A 234 8.42 0.10 -0.43
C SER A 234 6.91 0.25 -0.42
N THR A 235 6.36 0.50 0.75
CA THR A 235 4.93 0.66 0.89
C THR A 235 4.60 1.60 2.04
N TYR A 236 3.32 1.66 2.38
CA TYR A 236 2.80 2.51 3.44
C TYR A 236 3.14 3.98 3.37
N GLN A 237 3.26 4.50 2.16
CA GLN A 237 3.53 5.91 1.99
C GLN A 237 2.23 6.67 2.26
N ASN A 238 2.31 7.70 3.08
CA ASN A 238 1.14 8.50 3.41
C ASN A 238 -0.02 7.62 3.81
N ASN A 239 0.22 6.63 4.65
CA ASN A 239 -0.82 5.71 5.07
C ASN A 239 -0.95 5.71 6.59
N SER A 240 -0.73 6.89 7.18
CA SER A 240 -0.79 7.06 8.62
C SER A 240 -2.19 7.43 9.10
N TRP A 241 -2.33 7.56 10.43
CA TRP A 241 -3.61 7.95 11.01
C TRP A 241 -3.91 9.40 10.64
N GLY A 242 -2.89 10.24 10.61
CA GLY A 242 -3.15 11.61 10.23
C GLY A 242 -3.77 11.65 8.83
N ASP A 243 -3.38 10.72 7.96
CA ASP A 243 -3.92 10.69 6.60
C ASP A 243 -5.34 10.13 6.61
N PHE A 244 -5.59 9.17 7.48
CA PHE A 244 -6.89 8.54 7.61
C PHE A 244 -7.89 9.53 8.20
N LEU A 245 -7.45 10.24 9.23
CA LEU A 245 -8.31 11.22 9.86
C LEU A 245 -8.78 12.21 8.82
N LEU A 246 -7.83 12.77 8.08
CA LEU A 246 -8.16 13.75 7.06
C LEU A 246 -8.95 13.16 5.90
N ASP A 247 -8.80 11.85 5.69
CA ASP A 247 -9.51 11.20 4.62
C ASP A 247 -10.92 10.80 5.02
N THR A 248 -11.29 11.08 6.26
CA THR A 248 -12.62 10.69 6.73
C THR A 248 -13.36 11.80 7.46
N ILE A 249 -12.63 12.84 7.83
CA ILE A 249 -13.18 13.97 8.56
C ILE A 249 -14.36 14.61 7.80
N SER A 250 -14.31 14.62 6.48
CA SER A 250 -15.41 15.22 5.72
C SER A 250 -16.72 14.55 6.00
N GLY A 251 -16.77 13.24 5.77
CA GLY A 251 -17.99 12.51 6.02
C GLY A 251 -18.46 12.64 7.46
N LEU A 252 -17.54 12.87 8.38
CA LEU A 252 -17.93 13.00 9.77
C LEU A 252 -18.62 14.33 10.00
N VAL A 253 -17.97 15.41 9.58
CA VAL A 253 -18.52 16.74 9.73
C VAL A 253 -19.88 16.85 9.03
N PHE A 254 -19.93 16.37 7.80
CA PHE A 254 -21.13 16.41 7.00
C PHE A 254 -22.29 15.68 7.70
N ASP A 255 -22.02 14.51 8.24
CA ASP A 255 -23.05 13.74 8.92
C ASP A 255 -23.43 14.36 10.25
N THR A 256 -22.46 14.99 10.90
CA THR A 256 -22.73 15.60 12.19
C THR A 256 -23.47 16.92 12.04
N ALA A 257 -23.05 17.73 11.07
CA ALA A 257 -23.65 19.03 10.81
C ALA A 257 -25.11 18.89 10.41
N LYS A 258 -25.50 17.70 10.02
CA LYS A 258 -26.86 17.46 9.61
C LYS A 258 -27.78 17.49 10.84
N GLU A 259 -27.20 17.51 12.03
CA GLU A 259 -28.01 17.52 13.24
C GLU A 259 -27.55 18.60 14.21
N ASP A 260 -26.41 19.21 13.94
CA ASP A 260 -25.92 20.27 14.81
C ASP A 260 -26.00 21.54 13.99
N VAL A 261 -26.93 22.41 14.32
CA VAL A 261 -27.10 23.65 13.56
C VAL A 261 -25.88 24.54 13.72
N GLU A 262 -25.21 24.41 14.85
CA GLU A 262 -24.04 25.23 15.12
C GLU A 262 -22.99 25.10 14.02
N LEU A 263 -22.79 23.89 13.53
CA LEU A 263 -21.84 23.65 12.45
C LEU A 263 -22.35 24.30 11.17
N ARG A 264 -23.67 24.38 11.05
CA ARG A 264 -24.30 24.94 9.87
C ARG A 264 -24.28 26.45 9.87
N THR A 265 -23.95 27.02 11.01
CA THR A 265 -23.89 28.46 11.17
C THR A 265 -22.74 29.07 10.38
N GLY A 266 -22.89 30.30 9.92
CA GLY A 266 -21.84 30.93 9.14
C GLY A 266 -20.65 31.45 9.91
N ILE A 267 -19.59 31.77 9.21
CA ILE A 267 -18.40 32.28 9.87
C ILE A 267 -18.50 33.79 9.90
N PRO A 268 -17.66 34.43 10.73
CA PRO A 268 -17.65 35.89 10.86
C PRO A 268 -17.37 36.57 9.52
N ARG A 269 -17.81 37.80 9.37
CA ARG A 269 -17.55 38.49 8.11
C ARG A 269 -16.08 38.72 7.92
N GLN A 270 -15.64 38.58 6.68
CA GLN A 270 -14.26 38.82 6.30
C GLN A 270 -13.20 37.92 6.96
N LEU A 271 -13.62 36.88 7.66
CA LEU A 271 -12.68 35.98 8.30
C LEU A 271 -11.57 35.56 7.34
N LEU A 272 -11.93 35.30 6.09
CA LEU A 272 -10.93 34.91 5.09
C LEU A 272 -10.05 36.05 4.64
N LEU A 273 -10.37 37.27 5.05
CA LEU A 273 -9.56 38.41 4.64
C LEU A 273 -8.54 38.81 5.69
N GLN A 274 -8.59 38.13 6.84
CA GLN A 274 -7.68 38.41 7.94
C GLN A 274 -6.27 37.84 7.68
N VAL A 275 -5.28 38.38 8.38
CA VAL A 275 -3.91 37.90 8.23
C VAL A 275 -3.48 37.10 9.44
N GLU A 276 -4.30 37.07 10.48
CA GLU A 276 -3.96 36.32 11.68
C GLU A 276 -5.22 35.77 12.37
N SER A 277 -5.19 34.48 12.68
CA SER A 277 -6.34 33.85 13.33
C SER A 277 -6.69 34.55 14.64
N THR A 278 -7.89 34.28 15.15
CA THR A 278 -8.36 34.89 16.39
C THR A 278 -8.72 33.82 17.43
N THR A 279 -8.35 34.06 18.69
CA THR A 279 -8.62 33.11 19.78
C THR A 279 -10.05 32.53 19.72
N VAL A 280 -11.03 33.39 19.46
CA VAL A 280 -12.40 32.90 19.40
C VAL A 280 -12.52 31.77 18.37
N ALA A 281 -12.15 32.08 17.12
CA ALA A 281 -12.19 31.09 16.04
C ALA A 281 -11.57 29.74 16.44
N THR A 282 -10.41 29.79 17.10
CA THR A 282 -9.72 28.57 17.52
C THR A 282 -10.51 27.89 18.63
N ARG A 283 -10.93 28.70 19.60
CA ARG A 283 -11.72 28.20 20.71
C ARG A 283 -12.95 27.51 20.12
N ARG A 284 -13.59 28.15 19.14
CA ARG A 284 -14.79 27.61 18.48
C ARG A 284 -14.49 26.25 17.83
N LEU A 285 -13.44 26.22 17.00
CA LEU A 285 -13.01 25.01 16.29
C LEU A 285 -12.66 23.89 17.28
N SER A 286 -12.19 24.28 18.46
CA SER A 286 -11.84 23.29 19.49
C SER A 286 -13.11 22.57 19.92
N GLY A 287 -14.16 23.34 20.20
CA GLY A 287 -15.39 22.72 20.63
C GLY A 287 -15.95 21.82 19.55
N PHE A 288 -15.86 22.28 18.30
CA PHE A 288 -16.39 21.49 17.19
C PHE A 288 -15.66 20.16 17.05
N LEU A 289 -14.35 20.18 17.27
CA LEU A 289 -13.56 18.96 17.20
C LEU A 289 -14.01 18.02 18.31
N ARG A 290 -14.20 18.57 19.51
CA ARG A 290 -14.64 17.76 20.64
C ARG A 290 -16.01 17.13 20.39
N THR A 291 -16.92 17.89 19.80
CA THR A 291 -18.27 17.42 19.47
C THR A 291 -18.15 16.24 18.51
N LEU A 292 -17.36 16.44 17.46
CA LEU A 292 -17.12 15.39 16.47
C LEU A 292 -16.60 14.15 17.18
N ALA A 293 -15.63 14.36 18.06
CA ALA A 293 -15.04 13.27 18.80
C ALA A 293 -16.14 12.41 19.42
N ASP A 294 -16.89 13.04 20.34
CA ASP A 294 -18.00 12.40 21.04
C ASP A 294 -18.91 11.65 20.09
N ARG A 295 -19.39 12.35 19.06
CA ARG A 295 -20.27 11.72 18.10
C ARG A 295 -19.65 10.46 17.51
N LEU A 296 -18.34 10.50 17.25
CA LEU A 296 -17.65 9.34 16.69
C LEU A 296 -17.80 8.06 17.52
N GLU A 297 -17.67 8.18 18.84
CA GLU A 297 -17.77 7.04 19.77
C GLU A 297 -19.04 6.25 19.49
N GLY A 298 -20.15 6.96 19.24
CA GLY A 298 -21.38 6.27 18.94
C GLY A 298 -21.51 6.10 17.44
N THR A 299 -20.39 6.08 16.73
CA THR A 299 -20.42 5.93 15.27
C THR A 299 -19.89 4.57 14.85
N LYS A 300 -20.33 4.11 13.69
CA LYS A 300 -19.88 2.81 13.21
C LYS A 300 -19.54 2.89 11.72
N GLU A 301 -19.67 4.10 11.16
CA GLU A 301 -19.42 4.28 9.74
C GLU A 301 -18.41 5.40 9.46
N LEU A 302 -17.44 5.11 8.60
CA LEU A 302 -16.42 6.08 8.21
C LEU A 302 -16.35 6.09 6.71
N LEU A 303 -16.33 7.29 6.12
CA LEU A 303 -16.28 7.42 4.68
C LEU A 303 -14.93 7.87 4.13
N SER A 304 -14.42 7.12 3.17
CA SER A 304 -13.15 7.45 2.57
C SER A 304 -13.33 8.41 1.43
N SER A 305 -12.81 9.62 1.59
CA SER A 305 -12.93 10.61 0.53
C SER A 305 -12.08 10.24 -0.67
N ASP A 306 -10.84 9.85 -0.46
CA ASP A 306 -9.99 9.47 -1.59
C ASP A 306 -9.11 8.27 -1.38
N LYS A 308 -9.33 5.02 -0.33
CA LYS A 308 -9.73 3.77 -0.98
C LYS A 308 -9.61 3.88 -2.50
N LYS A 309 -10.28 4.89 -3.03
CA LYS A 309 -10.32 5.14 -4.46
C LYS A 309 -8.93 5.20 -5.09
N ASP A 310 -8.04 5.97 -4.46
CA ASP A 310 -6.68 6.13 -4.92
C ASP A 310 -5.95 4.79 -4.92
N PHE A 311 -6.11 4.04 -3.84
CA PHE A 311 -5.46 2.75 -3.80
C PHE A 311 -5.91 1.88 -4.98
N ILE A 312 -7.20 1.57 -5.07
CA ILE A 312 -7.68 0.73 -6.18
C ILE A 312 -7.37 1.25 -7.57
N HIS A 314 -4.84 2.95 -8.49
CA HIS A 314 -3.45 2.84 -8.88
C HIS A 314 -2.73 1.53 -8.66
N ARG A 315 -3.31 0.66 -7.84
CA ARG A 315 -2.67 -0.62 -7.57
C ARG A 315 -2.47 -1.47 -8.79
N LEU A 316 -1.71 -2.55 -8.62
CA LEU A 316 -1.42 -3.48 -9.69
C LEU A 316 -2.57 -4.45 -9.96
N PRO A 317 -2.69 -4.93 -11.20
CA PRO A 317 -3.74 -5.88 -11.56
C PRO A 317 -3.30 -7.28 -11.13
N PRO A 318 -4.25 -8.19 -10.90
CA PRO A 318 -3.87 -9.55 -10.48
C PRO A 318 -2.89 -10.18 -11.45
N TYR A 319 -1.94 -10.93 -10.90
CA TYR A 319 -0.93 -11.60 -11.71
C TYR A 319 -1.56 -12.64 -12.65
N SER A 320 -1.62 -12.30 -13.93
CA SER A 320 -2.20 -13.20 -14.92
C SER A 320 -1.28 -13.37 -16.12
N ALA A 321 -0.20 -14.11 -15.93
CA ALA A 321 0.77 -14.35 -16.99
C ALA A 321 0.36 -15.53 -17.86
N LYS A 333 -19.32 -21.47 -15.32
CA LYS A 333 -20.77 -21.63 -15.18
C LYS A 333 -21.49 -20.29 -14.89
N LEU A 334 -22.49 -19.97 -15.70
CA LEU A 334 -23.26 -18.75 -15.53
C LEU A 334 -24.19 -18.86 -14.34
N PRO A 335 -24.17 -17.86 -13.44
CA PRO A 335 -25.03 -17.88 -12.27
C PRO A 335 -26.51 -17.65 -12.50
N ARG A 336 -27.29 -18.45 -11.78
CA ARG A 336 -28.75 -18.43 -11.78
C ARG A 336 -29.15 -18.04 -10.37
N LEU A 337 -30.44 -17.85 -10.13
CA LEU A 337 -30.81 -17.47 -8.77
C LEU A 337 -30.82 -18.67 -7.82
N ASP A 338 -30.60 -19.86 -8.35
CA ASP A 338 -30.55 -21.06 -7.53
C ASP A 338 -29.09 -21.37 -7.27
N SER A 339 -28.21 -20.65 -7.94
CA SER A 339 -26.80 -20.90 -7.78
C SER A 339 -26.22 -20.48 -6.42
N VAL A 340 -25.01 -20.98 -6.16
CA VAL A 340 -24.26 -20.66 -4.96
C VAL A 340 -22.97 -20.02 -5.45
N VAL A 341 -22.84 -18.73 -5.16
CA VAL A 341 -21.69 -17.94 -5.57
C VAL A 341 -20.95 -17.28 -4.42
N ARG A 342 -19.75 -16.81 -4.73
CA ARG A 342 -18.91 -16.12 -3.76
C ARG A 342 -17.88 -15.22 -4.45
N LEU A 343 -17.59 -14.07 -3.83
CA LEU A 343 -16.62 -13.14 -4.41
C LEU A 343 -15.27 -13.79 -4.68
N GLN A 344 -14.65 -13.35 -5.77
CA GLN A 344 -13.32 -13.80 -6.14
C GLN A 344 -12.53 -12.52 -6.37
N PHE A 345 -11.21 -12.58 -6.15
CA PHE A 345 -10.38 -11.39 -6.30
C PHE A 345 -10.84 -10.34 -5.29
N LYS A 346 -11.27 -10.79 -4.12
CA LYS A 346 -11.75 -9.87 -3.09
C LYS A 346 -10.70 -8.83 -2.71
N ASP A 347 -9.45 -9.25 -2.56
CA ASP A 347 -8.38 -8.34 -2.18
C ASP A 347 -8.12 -7.28 -3.22
N HIS A 348 -8.88 -7.31 -4.31
CA HIS A 348 -8.72 -6.34 -5.36
C HIS A 348 -9.99 -5.52 -5.49
N ILE A 349 -10.91 -5.69 -4.57
CA ILE A 349 -12.18 -4.98 -4.64
C ILE A 349 -12.33 -4.01 -3.50
N VAL A 350 -13.16 -2.98 -3.70
CA VAL A 350 -13.45 -2.00 -2.65
C VAL A 350 -14.82 -1.37 -2.88
N LEU A 351 -15.49 -0.97 -1.80
CA LEU A 351 -16.80 -0.35 -1.93
C LEU A 351 -17.03 0.83 -1.00
N THR A 352 -17.89 1.74 -1.44
CA THR A 352 -18.22 2.90 -0.62
C THR A 352 -19.47 3.51 -1.12
N VAL A 353 -20.01 4.44 -0.34
CA VAL A 353 -21.23 5.15 -0.67
C VAL A 353 -20.90 6.60 -1.07
N LEU A 354 -21.12 6.92 -2.34
CA LEU A 354 -20.84 8.28 -2.85
C LEU A 354 -21.95 8.84 -3.75
N PRO A 355 -21.99 10.16 -3.91
CA PRO A 355 -23.00 10.85 -4.74
C PRO A 355 -23.01 10.16 -6.11
N ASP A 356 -24.11 10.34 -6.82
CA ASP A 356 -24.28 9.67 -8.10
C ASP A 356 -23.17 10.09 -9.05
N GLN A 357 -22.77 11.35 -9.00
CA GLN A 357 -21.85 11.86 -10.04
C GLN A 357 -22.73 12.38 -11.19
N GLU A 365 -29.51 9.44 -5.74
CA GLU A 365 -28.46 10.26 -5.13
C GLU A 365 -27.30 9.37 -4.67
N LYS A 366 -27.07 9.31 -3.35
CA LYS A 366 -26.00 8.49 -2.79
C LYS A 366 -26.22 7.03 -3.22
N VAL A 368 -24.25 2.97 -3.99
CA VAL A 368 -23.16 2.09 -3.60
C VAL A 368 -22.22 1.92 -4.80
N TYR A 369 -20.95 2.26 -4.64
CA TYR A 369 -20.00 2.12 -5.72
C TYR A 369 -19.02 0.96 -5.47
N ILE A 370 -18.75 0.19 -6.52
CA ILE A 370 -17.84 -0.95 -6.46
C ILE A 370 -16.66 -0.65 -7.40
N TYR A 371 -15.46 -0.54 -6.83
CA TYR A 371 -14.26 -0.28 -7.63
C TYR A 371 -13.36 -1.48 -7.49
N HIS A 372 -12.76 -1.87 -8.62
CA HIS A 372 -11.87 -3.01 -8.62
C HIS A 372 -10.70 -2.70 -9.53
N SER A 373 -9.62 -3.43 -9.35
CA SER A 373 -8.43 -3.20 -10.12
C SER A 373 -8.08 -4.33 -11.09
N LEU A 374 -9.04 -5.18 -11.42
CA LEU A 374 -8.73 -6.27 -12.34
C LEU A 374 -8.38 -5.78 -13.74
N LYS A 375 -8.75 -4.54 -14.05
CA LYS A 375 -8.47 -3.97 -15.37
C LYS A 375 -7.39 -2.88 -15.34
N ASN A 376 -6.56 -2.90 -14.31
CA ASN A 376 -5.50 -1.93 -14.17
C ASN A 376 -4.29 -2.29 -15.02
N SER A 377 -3.53 -1.27 -15.37
CA SER A 377 -2.33 -1.46 -16.18
C SER A 377 -1.04 -1.64 -15.38
N ARG A 378 -0.37 -2.78 -15.53
CA ARG A 378 0.85 -2.97 -14.78
C ARG A 378 1.97 -2.18 -15.43
N GLU A 379 1.82 -1.83 -16.71
CA GLU A 379 2.86 -1.05 -17.38
C GLU A 379 2.94 0.37 -16.84
N THR A 380 1.91 0.82 -16.16
CA THR A 380 1.93 2.18 -15.66
C THR A 380 1.93 2.28 -14.17
N HIS A 381 1.97 1.13 -13.51
CA HIS A 381 1.98 1.09 -12.06
C HIS A 381 3.03 1.99 -11.45
N GLY A 384 2.60 7.06 -12.14
CA GLY A 384 1.70 8.18 -11.94
C GLY A 384 1.67 9.20 -13.05
N ASN A 385 1.50 8.72 -14.28
CA ASN A 385 1.46 9.62 -15.44
C ASN A 385 0.03 9.73 -16.00
N GLU A 386 -0.96 9.69 -15.11
CA GLU A 386 -2.38 9.77 -15.50
C GLU A 386 -3.32 10.00 -14.31
N PHE A 391 -11.66 4.75 -14.03
CA PHE A 391 -12.36 4.15 -12.89
C PHE A 391 -13.25 2.94 -13.29
N HIS A 392 -12.70 1.73 -13.17
CA HIS A 392 -13.45 0.53 -13.52
C HIS A 392 -14.26 0.03 -12.33
N GLY A 393 -15.50 -0.34 -12.60
CA GLY A 393 -16.35 -0.83 -11.52
C GLY A 393 -17.84 -0.83 -11.84
N LEU A 394 -18.63 -0.73 -10.77
CA LEU A 394 -20.09 -0.77 -10.90
C LEU A 394 -20.81 0.19 -9.95
N ARG A 395 -21.96 0.67 -10.42
CA ARG A 395 -22.80 1.60 -9.67
C ARG A 395 -24.10 0.87 -9.23
N PHE A 396 -24.49 1.05 -7.97
CA PHE A 396 -25.70 0.43 -7.43
C PHE A 396 -26.47 1.32 -6.45
N PRO A 397 -27.81 1.16 -6.37
CA PRO A 397 -28.63 1.97 -5.45
C PRO A 397 -28.46 1.43 -4.01
N LEU A 398 -28.48 2.32 -3.00
CA LEU A 398 -28.29 1.90 -1.62
C LEU A 398 -29.06 0.65 -1.23
N SER A 399 -30.26 0.52 -1.77
CA SER A 399 -31.11 -0.63 -1.49
C SER A 399 -30.38 -1.96 -1.62
N HIS A 400 -29.25 -1.98 -2.33
CA HIS A 400 -28.50 -3.22 -2.53
C HIS A 400 -27.30 -3.37 -1.61
N LEU A 401 -27.03 -2.31 -0.86
CA LEU A 401 -25.89 -2.32 0.04
C LEU A 401 -25.82 -3.56 0.91
N ASP A 402 -26.83 -3.75 1.74
CA ASP A 402 -26.86 -4.92 2.62
C ASP A 402 -26.55 -6.17 1.80
N ALA A 403 -27.24 -6.33 0.67
CA ALA A 403 -27.01 -7.49 -0.18
C ALA A 403 -25.52 -7.60 -0.49
N LEU A 404 -24.92 -6.48 -0.86
CA LEU A 404 -23.50 -6.44 -1.16
C LEU A 404 -22.66 -6.90 0.04
N LYS A 405 -23.03 -6.41 1.23
CA LYS A 405 -22.31 -6.78 2.46
C LYS A 405 -22.46 -8.27 2.78
N GLN A 406 -23.59 -8.85 2.38
CA GLN A 406 -23.81 -10.28 2.60
C GLN A 406 -22.78 -11.04 1.79
N ILE A 407 -22.73 -10.72 0.50
CA ILE A 407 -21.81 -11.36 -0.43
C ILE A 407 -20.36 -11.30 0.04
N TRP A 408 -20.00 -10.16 0.64
CA TRP A 408 -18.64 -9.91 1.13
C TRP A 408 -18.21 -10.85 2.24
N ASN A 409 -18.88 -10.74 3.38
CA ASN A 409 -18.62 -11.56 4.56
C ASN A 409 -18.85 -13.06 4.25
N SER A 410 -20.01 -13.38 3.67
CA SER A 410 -20.33 -14.79 3.37
C SER A 410 -19.25 -15.49 2.55
N PRO A 411 -18.75 -16.66 3.01
CA PRO A 411 -17.73 -17.39 2.25
C PRO A 411 -18.44 -18.06 1.09
N ALA A 412 -19.74 -18.15 1.21
CA ALA A 412 -20.59 -18.73 0.17
C ALA A 412 -21.98 -18.16 0.43
N ILE A 413 -22.87 -18.27 -0.55
CA ILE A 413 -24.22 -17.74 -0.40
C ILE A 413 -25.10 -17.99 -1.64
N SER A 414 -26.39 -18.19 -1.40
CA SER A 414 -27.32 -18.44 -2.48
C SER A 414 -28.01 -17.14 -2.91
N VAL A 415 -28.09 -16.96 -4.22
CA VAL A 415 -28.67 -15.76 -4.82
C VAL A 415 -30.02 -15.37 -4.22
N LYS A 416 -30.79 -16.36 -3.76
CA LYS A 416 -32.10 -16.06 -3.17
C LYS A 416 -31.89 -15.38 -1.81
N ASP A 417 -30.94 -15.89 -1.03
CA ASP A 417 -30.64 -15.33 0.29
C ASP A 417 -30.26 -13.83 0.27
N LEU A 418 -30.10 -13.25 -0.93
CA LEU A 418 -29.74 -11.82 -1.04
C LEU A 418 -30.94 -11.04 -0.49
N LYS A 419 -30.64 -10.06 0.36
CA LYS A 419 -31.70 -9.28 0.98
C LYS A 419 -32.10 -8.20 0.00
N LEU A 420 -32.76 -8.63 -1.08
CA LEU A 420 -33.18 -7.70 -2.11
C LEU A 420 -34.68 -7.83 -2.28
N THR A 421 -35.29 -6.87 -2.98
CA THR A 421 -36.74 -6.82 -3.20
C THR A 421 -37.44 -7.86 -4.09
N THR A 422 -36.84 -8.17 -5.25
CA THR A 422 -37.48 -9.01 -6.27
C THR A 422 -36.45 -9.91 -6.91
N ASP A 423 -36.85 -11.00 -7.56
CA ASP A 423 -35.80 -11.94 -7.95
C ASP A 423 -35.04 -11.44 -9.17
N GLU A 424 -35.67 -10.63 -10.03
CA GLU A 424 -34.96 -10.16 -11.21
C GLU A 424 -33.71 -9.38 -10.84
N GLU A 425 -33.84 -8.49 -9.87
CA GLU A 425 -32.72 -7.68 -9.42
C GLU A 425 -31.78 -8.57 -8.57
N LYS A 426 -32.35 -9.59 -7.92
CA LYS A 426 -31.57 -10.54 -7.10
C LYS A 426 -30.58 -11.21 -8.06
N GLU A 427 -31.05 -11.48 -9.28
CA GLU A 427 -30.25 -12.12 -10.33
C GLU A 427 -29.41 -11.10 -11.08
N SER A 428 -30.06 -10.00 -11.49
CA SER A 428 -29.42 -8.93 -12.23
C SER A 428 -28.12 -8.54 -11.56
N LEU A 429 -28.21 -8.26 -10.26
CA LEU A 429 -27.03 -7.89 -9.50
C LEU A 429 -25.92 -8.91 -9.67
N VAL A 430 -26.15 -10.14 -9.23
CA VAL A 430 -25.11 -11.14 -9.33
C VAL A 430 -24.58 -11.27 -10.77
N LEU A 431 -25.43 -10.95 -11.73
CA LEU A 431 -25.03 -11.04 -13.12
C LEU A 431 -24.09 -9.91 -13.48
N SER A 432 -24.32 -8.74 -12.90
CA SER A 432 -23.44 -7.61 -13.14
C SER A 432 -22.07 -7.96 -12.58
N LEU A 433 -22.02 -8.27 -11.29
CA LEU A 433 -20.76 -8.61 -10.66
C LEU A 433 -20.02 -9.70 -11.41
N TRP A 434 -20.77 -10.64 -11.95
CA TRP A 434 -20.16 -11.75 -12.68
C TRP A 434 -19.42 -11.27 -13.93
N THR A 435 -19.98 -10.30 -14.64
CA THR A 435 -19.33 -9.80 -15.85
C THR A 435 -18.08 -9.00 -15.53
N GLU A 436 -17.97 -8.54 -14.30
CA GLU A 436 -16.81 -7.78 -13.89
C GLU A 436 -15.74 -8.72 -13.34
N CYS A 437 -15.99 -10.02 -13.46
CA CYS A 437 -15.09 -11.07 -12.99
C CYS A 437 -14.98 -11.16 -11.47
N LEU A 438 -15.93 -10.57 -10.75
CA LEU A 438 -15.94 -10.57 -9.29
C LEU A 438 -16.63 -11.76 -8.63
N ILE A 439 -17.59 -12.36 -9.33
CA ILE A 439 -18.33 -13.48 -8.79
C ILE A 439 -17.83 -14.81 -9.31
N GLN A 440 -18.09 -15.86 -8.54
CA GLN A 440 -17.68 -17.21 -8.93
C GLN A 440 -18.78 -18.17 -8.46
N VAL A 441 -19.06 -19.19 -9.26
CA VAL A 441 -20.08 -20.17 -8.88
C VAL A 441 -19.36 -21.36 -8.27
N VAL A 442 -20.06 -22.09 -7.39
CA VAL A 442 -19.48 -23.28 -6.77
C VAL A 442 -19.81 -24.52 -7.60
#